data_7AV1
#
_entry.id   7AV1
#
_cell.length_a   77.873
_cell.length_b   87.109
_cell.length_c   98.962
_cell.angle_alpha   90.000
_cell.angle_beta   90.000
_cell.angle_gamma   90.000
#
_symmetry.space_group_name_H-M   'P 21 21 21'
#
loop_
_entity.id
_entity.type
_entity.pdbx_description
1 polymer 'Leukotriene A-4 hydrolase'
2 non-polymer 'ZINC ION'
3 non-polymer 'ACETATE ION'
4 non-polymer 'YTTERBIUM (III) ION'
5 non-polymer IMIDAZOLE
6 non-polymer 2-[5-(4-methoxyphenyl)-1,2,3,4-tetrazol-2-yl]ethanamine
7 water water
#
_entity_poly.entity_id   1
_entity_poly.type   'polypeptide(L)'
_entity_poly.pdbx_seq_one_letter_code
;GPGPEIVDTCSLASPASVCRTKHLHLRCSVDFTRRTLTGTAALTVQSQEDNLRSLVLDTKDLTIEKVVINGQEVKYALGE
RQSYKGSPMEISLPIALSKNQEIVIEISFETSPKSSALQWLTPEQTSGKEHPYLFSQCQAIHCRAILPCQDTPSVKLTYT
AEVSVPKELVALMSAIRDGETPDPEDPSRKIYKFIQKVPIPCYLIALVVGALESRQIGPRTLVWSEKEQVEKSAYEFSET
ESMLKIAEDLGGPYVWGQYDLLVLPPSFPYGGMENPCLTFVTPTLLAGDKSLSNVIAHEISHSWTGNLVTNKTWDHFWLN
EGHTVYLERHICGRLFGEKFRHFNALGGWGELQNSVKTFGETHPFTKLVVDLTDIDPDVAYSSVPYEKGFALLFYLEQLL
GGPEIFLGFLKAYVEKFSYKSITTDDWKDFLYSYFKDKVDVLNQVDWNAWLYSPGLPPIKPNYDMTLTNACIALSQRWIT
AKEDDLNSFNATDLKDLSSHQLNEFLAQTLQRAPLPLGHIKRMQEVYNFNAINNSEIRFRWLRLCIQSKWEDAIPLALKM
ATEQGRMKFTRPLFKDLAAFDKSHDQAVRTYQEHKASMHPVTAMLVGKDLKVD
;
_entity_poly.pdbx_strand_id   A
#
# COMPACT_ATOMS: atom_id res chain seq x y z
N VAL A 7 16.89 15.74 -4.85
CA VAL A 7 16.93 15.71 -3.37
C VAL A 7 15.73 15.03 -2.74
N ASP A 8 15.98 14.01 -1.90
CA ASP A 8 14.88 13.35 -1.18
C ASP A 8 14.67 14.09 0.15
N THR A 9 13.63 14.91 0.18
CA THR A 9 13.27 15.74 1.34
C THR A 9 12.67 14.97 2.51
N CYS A 10 12.39 13.65 2.33
CA CYS A 10 11.85 12.84 3.43
C CYS A 10 12.98 12.09 4.17
N SER A 11 14.21 12.16 3.64
CA SER A 11 15.33 11.44 4.25
C SER A 11 16.37 12.39 4.84
N LEU A 12 16.94 12.01 5.99
CA LEU A 12 18.01 12.76 6.67
C LEU A 12 19.38 12.12 6.39
N ALA A 13 19.40 10.98 5.70
CA ALA A 13 20.62 10.24 5.39
C ALA A 13 21.48 10.87 4.26
N SER A 14 22.74 10.45 4.16
CA SER A 14 23.59 10.90 3.06
C SER A 14 22.88 10.48 1.76
N PRO A 15 22.78 11.39 0.77
CA PRO A 15 22.11 11.04 -0.50
C PRO A 15 22.94 10.04 -1.33
N ALA A 16 22.33 9.50 -2.39
CA ALA A 16 22.96 8.52 -3.30
C ALA A 16 24.18 9.08 -4.03
N SER A 17 24.28 10.42 -4.15
CA SER A 17 25.45 11.09 -4.77
C SER A 17 26.70 11.05 -3.86
N VAL A 18 26.53 10.80 -2.55
CA VAL A 18 27.59 10.73 -1.55
C VAL A 18 28.04 9.28 -1.36
N CYS A 19 27.09 8.41 -1.03
CA CYS A 19 27.39 6.99 -0.82
C CYS A 19 26.13 6.19 -1.12
N ARG A 20 26.31 4.89 -1.39
CA ARG A 20 25.17 4.03 -1.71
C ARG A 20 25.28 2.71 -1.01
N THR A 21 24.19 2.30 -0.33
CA THR A 21 24.15 0.98 0.30
C THR A 21 23.92 -0.04 -0.84
N LYS A 22 24.81 -1.02 -0.93
CA LYS A 22 24.75 -2.08 -1.93
C LYS A 22 24.08 -3.35 -1.36
N HIS A 23 24.26 -3.61 -0.06
CA HIS A 23 23.71 -4.83 0.55
C HIS A 23 23.47 -4.64 2.03
N LEU A 24 22.48 -5.36 2.56
CA LEU A 24 22.18 -5.40 4.00
C LEU A 24 22.21 -6.86 4.41
N HIS A 25 22.98 -7.18 5.47
CA HIS A 25 22.94 -8.48 6.07
C HIS A 25 22.35 -8.22 7.48
N LEU A 26 21.11 -8.68 7.68
CA LEU A 26 20.37 -8.47 8.92
C LEU A 26 20.35 -9.75 9.76
N ARG A 27 20.84 -9.64 11.01
CA ARG A 27 20.78 -10.75 11.96
C ARG A 27 20.01 -10.21 13.14
N CYS A 28 18.79 -10.71 13.35
CA CYS A 28 17.98 -10.21 14.46
C CYS A 28 17.18 -11.27 15.19
N SER A 29 16.66 -10.88 16.35
CA SER A 29 15.86 -11.72 17.23
C SER A 29 14.60 -10.97 17.62
N VAL A 30 13.45 -11.69 17.59
CA VAL A 30 12.16 -11.09 17.92
C VAL A 30 11.80 -11.44 19.35
N ASP A 31 11.60 -10.42 20.21
CA ASP A 31 11.24 -10.68 21.60
C ASP A 31 9.86 -10.13 21.86
N PHE A 32 8.86 -11.02 21.94
CA PHE A 32 7.46 -10.63 22.16
C PHE A 32 7.17 -10.09 23.56
N THR A 33 7.94 -10.51 24.56
CA THR A 33 7.72 -10.00 25.92
C THR A 33 8.10 -8.52 25.99
N ARG A 34 9.23 -8.14 25.36
CA ARG A 34 9.69 -6.74 25.35
C ARG A 34 9.15 -5.91 24.18
N ARG A 35 8.62 -6.58 23.14
CA ARG A 35 8.14 -5.94 21.88
C ARG A 35 9.32 -5.22 21.21
N THR A 36 10.45 -5.94 21.08
CA THR A 36 11.65 -5.40 20.45
C THR A 36 12.21 -6.37 19.42
N LEU A 37 12.88 -5.81 18.43
CA LEU A 37 13.67 -6.52 17.43
C LEU A 37 15.08 -6.06 17.77
N THR A 38 15.98 -7.01 18.06
CA THR A 38 17.36 -6.69 18.44
C THR A 38 18.31 -7.44 17.54
N GLY A 39 19.37 -6.78 17.13
CA GLY A 39 20.38 -7.45 16.33
C GLY A 39 21.40 -6.53 15.71
N THR A 40 21.91 -6.97 14.56
CA THR A 40 22.91 -6.25 13.79
C THR A 40 22.44 -6.05 12.37
N ALA A 41 22.70 -4.86 11.85
CA ALA A 41 22.45 -4.52 10.46
C ALA A 41 23.81 -4.23 9.91
N ALA A 42 24.32 -5.13 9.04
CA ALA A 42 25.63 -4.97 8.40
C ALA A 42 25.34 -4.41 7.01
N LEU A 43 25.70 -3.13 6.82
CA LEU A 43 25.51 -2.43 5.58
C LEU A 43 26.78 -2.37 4.75
N THR A 44 26.72 -2.86 3.51
CA THR A 44 27.87 -2.77 2.59
C THR A 44 27.64 -1.42 1.87
N VAL A 45 28.47 -0.44 2.13
CA VAL A 45 28.30 0.89 1.56
C VAL A 45 29.43 1.17 0.55
N GLN A 46 29.07 1.72 -0.58
CA GLN A 46 29.99 2.16 -1.62
C GLN A 46 30.10 3.67 -1.59
N SER A 47 31.33 4.19 -1.44
CA SER A 47 31.50 5.64 -1.50
C SER A 47 31.30 6.12 -2.94
N GLN A 48 30.68 7.29 -3.12
CA GLN A 48 30.52 7.89 -4.45
C GLN A 48 31.40 9.13 -4.54
N GLU A 49 32.22 9.38 -3.51
CA GLU A 49 33.04 10.59 -3.43
C GLU A 49 34.45 10.27 -3.05
N ASP A 50 35.35 11.17 -3.39
CA ASP A 50 36.73 11.07 -2.97
C ASP A 50 36.83 11.53 -1.51
N ASN A 51 37.76 10.93 -0.74
CA ASN A 51 38.07 11.30 0.64
C ASN A 51 36.83 11.35 1.56
N LEU A 52 35.97 10.34 1.47
CA LEU A 52 34.77 10.28 2.29
C LEU A 52 35.14 9.85 3.70
N ARG A 53 34.79 10.68 4.70
CA ARG A 53 35.16 10.41 6.09
C ARG A 53 34.01 10.19 7.08
N SER A 54 32.81 10.46 6.64
CA SER A 54 31.63 10.25 7.47
C SER A 54 30.41 10.06 6.60
N LEU A 55 29.39 9.47 7.16
CA LEU A 55 28.14 9.33 6.44
C LEU A 55 27.00 9.34 7.42
N VAL A 56 25.80 9.66 6.92
CA VAL A 56 24.65 9.77 7.79
C VAL A 56 23.60 8.77 7.37
N LEU A 57 22.95 8.15 8.37
CA LEU A 57 21.85 7.22 8.14
C LEU A 57 20.60 7.73 8.84
N ASP A 58 19.43 7.28 8.36
CA ASP A 58 18.14 7.57 8.97
C ASP A 58 17.90 6.55 10.09
N THR A 59 17.26 6.99 11.18
CA THR A 59 16.85 6.14 12.30
C THR A 59 15.58 6.76 12.89
N LYS A 60 14.76 5.98 13.59
CA LYS A 60 13.57 6.53 14.22
C LYS A 60 13.24 5.65 15.40
N ASP A 61 13.43 6.19 16.62
CA ASP A 61 13.17 5.48 17.88
C ASP A 61 14.01 4.20 17.99
N LEU A 62 15.24 4.25 17.49
CA LEU A 62 16.17 3.12 17.57
C LEU A 62 17.13 3.36 18.70
N THR A 63 17.49 2.28 19.39
CA THR A 63 18.52 2.35 20.40
C THR A 63 19.77 1.77 19.75
N ILE A 64 20.86 2.54 19.70
CA ILE A 64 22.09 2.06 19.10
C ILE A 64 23.06 1.66 20.20
N GLU A 65 23.59 0.43 20.12
CA GLU A 65 24.55 -0.09 21.10
C GLU A 65 25.99 0.26 20.69
N LYS A 66 26.35 0.00 19.42
CA LYS A 66 27.69 0.24 18.89
C LYS A 66 27.68 0.17 17.38
N VAL A 67 28.74 0.70 16.77
CA VAL A 67 28.96 0.64 15.33
C VAL A 67 30.36 0.05 15.12
N VAL A 68 30.47 -1.04 14.35
CA VAL A 68 31.73 -1.72 14.15
C VAL A 68 32.15 -1.70 12.67
N ILE A 69 33.38 -1.23 12.40
CA ILE A 69 34.00 -1.23 11.05
C ILE A 69 35.41 -1.81 11.24
N ASN A 70 35.82 -2.79 10.41
CA ASN A 70 37.16 -3.40 10.49
C ASN A 70 37.43 -4.05 11.88
N GLY A 71 36.38 -4.59 12.50
CA GLY A 71 36.46 -5.26 13.80
C GLY A 71 36.64 -4.35 15.00
N GLN A 72 36.57 -3.02 14.80
CA GLN A 72 36.75 -2.06 15.89
C GLN A 72 35.55 -1.15 16.00
N GLU A 73 35.23 -0.72 17.23
CA GLU A 73 34.11 0.20 17.42
C GLU A 73 34.48 1.60 16.94
N VAL A 74 33.52 2.27 16.27
CA VAL A 74 33.72 3.61 15.74
C VAL A 74 32.80 4.63 16.39
N LYS A 75 33.16 5.92 16.25
CA LYS A 75 32.35 7.00 16.81
C LYS A 75 31.13 7.26 15.95
N TYR A 76 30.00 7.50 16.60
CA TYR A 76 28.75 7.85 15.92
C TYR A 76 28.02 8.84 16.82
N ALA A 77 27.06 9.58 16.25
CA ALA A 77 26.28 10.54 17.02
C ALA A 77 24.89 10.60 16.44
N LEU A 78 23.89 10.62 17.32
CA LEU A 78 22.51 10.75 16.91
C LEU A 78 22.13 12.21 17.07
N GLY A 79 21.60 12.79 16.00
CA GLY A 79 21.16 14.18 16.00
C GLY A 79 19.83 14.31 16.71
N GLU A 80 19.37 15.57 16.87
CA GLU A 80 18.07 15.87 17.48
C GLU A 80 16.98 15.27 16.58
N ARG A 81 15.87 14.79 17.19
CA ARG A 81 14.79 14.23 16.40
C ARG A 81 14.10 15.34 15.57
N GLN A 82 13.76 15.03 14.30
CA GLN A 82 13.08 15.91 13.33
C GLN A 82 11.68 15.35 13.07
N SER A 83 10.86 15.34 14.13
CA SER A 83 9.48 14.86 14.10
C SER A 83 9.36 13.45 13.41
N TYR A 84 8.47 13.33 12.39
CA TYR A 84 8.22 12.07 11.67
C TYR A 84 9.44 11.52 10.90
N LYS A 85 10.45 12.37 10.62
CA LYS A 85 11.66 11.95 9.90
C LYS A 85 12.62 11.13 10.76
N GLY A 86 12.46 11.22 12.07
CA GLY A 86 13.32 10.53 13.02
C GLY A 86 14.58 11.32 13.30
N SER A 87 15.65 10.61 13.69
CA SER A 87 16.92 11.24 14.05
C SER A 87 18.04 10.80 13.13
N PRO A 88 18.85 11.75 12.61
CA PRO A 88 19.99 11.34 11.76
C PRO A 88 21.11 10.72 12.59
N MET A 89 21.76 9.71 12.03
CA MET A 89 22.86 9.04 12.70
C MET A 89 24.13 9.26 11.89
N GLU A 90 25.06 10.11 12.41
CA GLU A 90 26.31 10.37 11.72
C GLU A 90 27.37 9.37 12.19
N ILE A 91 28.00 8.65 11.25
CA ILE A 91 29.03 7.66 11.56
C ILE A 91 30.38 8.18 11.08
N SER A 92 31.40 8.18 11.96
CA SER A 92 32.75 8.63 11.63
C SER A 92 33.51 7.43 11.10
N LEU A 93 33.94 7.51 9.83
CA LEU A 93 34.67 6.39 9.24
C LEU A 93 36.11 6.36 9.76
N PRO A 94 36.65 5.17 10.07
CA PRO A 94 38.01 5.11 10.63
C PRO A 94 39.08 5.49 9.61
N ILE A 95 38.84 5.20 8.32
CA ILE A 95 39.78 5.48 7.20
C ILE A 95 39.00 6.16 6.07
N ALA A 96 39.51 7.29 5.54
CA ALA A 96 38.90 8.00 4.40
C ALA A 96 38.75 7.03 3.21
N LEU A 97 37.58 7.05 2.52
CA LEU A 97 37.30 6.18 1.38
C LEU A 97 37.48 6.92 0.06
N SER A 98 38.00 6.24 -0.95
CA SER A 98 38.11 6.82 -2.28
C SER A 98 36.82 6.48 -3.05
N LYS A 99 36.59 7.09 -4.23
CA LYS A 99 35.40 6.84 -5.05
C LYS A 99 35.33 5.37 -5.42
N ASN A 100 34.13 4.77 -5.27
CA ASN A 100 33.82 3.36 -5.56
C ASN A 100 34.31 2.35 -4.53
N GLN A 101 35.06 2.80 -3.49
CA GLN A 101 35.50 1.90 -2.45
C GLN A 101 34.32 1.44 -1.60
N GLU A 102 34.32 0.15 -1.24
CA GLU A 102 33.25 -0.42 -0.43
C GLU A 102 33.73 -0.85 0.94
N ILE A 103 32.92 -0.63 1.97
CA ILE A 103 33.21 -1.07 3.33
C ILE A 103 31.95 -1.66 3.93
N VAL A 104 32.10 -2.41 5.01
CA VAL A 104 30.97 -3.00 5.72
C VAL A 104 30.86 -2.31 7.07
N ILE A 105 29.66 -1.80 7.39
CA ILE A 105 29.39 -1.13 8.66
C ILE A 105 28.35 -1.96 9.41
N GLU A 106 28.74 -2.54 10.55
CA GLU A 106 27.87 -3.36 11.36
C GLU A 106 27.33 -2.56 12.54
N ILE A 107 26.00 -2.31 12.52
CA ILE A 107 25.34 -1.53 13.54
C ILE A 107 24.53 -2.44 14.47
N SER A 108 24.82 -2.40 15.78
CA SER A 108 24.07 -3.18 16.76
C SER A 108 22.94 -2.26 17.26
N PHE A 109 21.71 -2.69 17.08
CA PHE A 109 20.56 -1.86 17.41
C PHE A 109 19.43 -2.65 18.05
N GLU A 110 18.44 -1.91 18.54
CA GLU A 110 17.22 -2.42 19.12
C GLU A 110 16.06 -1.47 18.78
N THR A 111 14.90 -2.03 18.41
CA THR A 111 13.75 -1.18 18.11
C THR A 111 13.04 -0.80 19.39
N SER A 112 12.19 0.21 19.29
CA SER A 112 11.28 0.62 20.37
C SER A 112 9.95 -0.13 20.21
N PRO A 113 9.25 -0.46 21.33
CA PRO A 113 7.91 -1.09 21.22
C PRO A 113 6.94 -0.23 20.41
N LYS A 114 7.17 1.09 20.37
CA LYS A 114 6.33 2.05 19.65
C LYS A 114 6.81 2.32 18.19
N SER A 115 7.69 1.44 17.65
CA SER A 115 8.18 1.60 16.26
C SER A 115 6.99 1.81 15.33
N SER A 116 7.04 2.90 14.54
CA SER A 116 5.92 3.18 13.60
C SER A 116 5.86 2.17 12.45
N ALA A 117 6.91 1.34 12.29
CA ALA A 117 6.94 0.32 11.24
C ALA A 117 6.24 -0.95 11.64
N LEU A 118 6.05 -1.16 12.93
CA LEU A 118 5.56 -2.43 13.47
C LEU A 118 4.26 -2.41 14.19
N GLN A 119 3.53 -3.53 14.08
CA GLN A 119 2.40 -3.75 14.95
C GLN A 119 2.63 -5.05 15.70
N TRP A 120 2.62 -4.98 17.05
CA TRP A 120 2.79 -6.13 17.93
C TRP A 120 1.39 -6.53 18.38
N LEU A 121 0.95 -7.76 18.05
CA LEU A 121 -0.37 -8.24 18.44
C LEU A 121 -0.31 -9.23 19.57
N THR A 122 -1.24 -9.10 20.50
CA THR A 122 -1.34 -10.07 21.60
C THR A 122 -2.10 -11.29 21.03
N PRO A 123 -2.07 -12.47 21.70
CA PRO A 123 -2.87 -13.62 21.20
C PRO A 123 -4.35 -13.33 20.97
N GLU A 124 -4.98 -12.52 21.84
CA GLU A 124 -6.41 -12.13 21.73
C GLU A 124 -6.72 -11.40 20.43
N GLN A 125 -5.72 -10.68 19.83
CA GLN A 125 -5.85 -9.94 18.57
C GLN A 125 -5.64 -10.81 17.31
N THR A 126 -5.33 -12.10 17.49
CA THR A 126 -5.07 -13.00 16.35
C THR A 126 -6.29 -13.94 16.16
N SER A 127 -6.28 -14.76 15.09
CA SER A 127 -7.35 -15.74 14.86
C SER A 127 -7.30 -16.94 15.82
N GLY A 128 -6.10 -17.42 16.09
CA GLY A 128 -5.85 -18.62 16.89
C GLY A 128 -5.94 -18.46 18.39
N LYS A 129 -5.76 -17.22 18.89
CA LYS A 129 -5.88 -16.89 20.31
C LYS A 129 -4.83 -17.47 21.25
N GLU A 130 -3.83 -18.20 20.71
CA GLU A 130 -2.78 -18.84 21.52
C GLU A 130 -1.42 -18.18 21.42
N HIS A 131 -1.11 -17.60 20.25
CA HIS A 131 0.19 -17.03 19.99
C HIS A 131 0.14 -15.55 19.59
N PRO A 132 1.21 -14.78 19.95
CA PRO A 132 1.29 -13.37 19.51
C PRO A 132 1.64 -13.32 18.03
N TYR A 133 1.68 -12.11 17.45
CA TYR A 133 1.93 -11.91 16.02
C TYR A 133 2.61 -10.55 15.82
N LEU A 134 3.47 -10.48 14.83
CA LEU A 134 4.18 -9.23 14.52
C LEU A 134 4.18 -9.04 13.03
N PHE A 135 3.95 -7.81 12.54
CA PHE A 135 4.13 -7.55 11.11
C PHE A 135 4.68 -6.17 10.91
N SER A 136 5.43 -5.97 9.83
CA SER A 136 5.99 -4.67 9.47
C SER A 136 5.21 -4.05 8.29
N GLN A 137 5.42 -2.76 8.09
CA GLN A 137 4.87 -1.95 7.01
C GLN A 137 5.81 -0.75 6.89
N CYS A 138 6.81 -0.90 6.01
CA CYS A 138 7.83 0.12 5.84
C CYS A 138 7.45 1.28 4.97
N GLN A 139 6.56 1.06 3.97
CA GLN A 139 6.22 2.15 3.07
C GLN A 139 5.44 3.27 3.82
N ALA A 140 5.79 4.56 3.64
CA ALA A 140 6.88 5.07 2.80
C ALA A 140 8.22 5.10 3.53
N ILE A 141 8.25 5.74 4.71
CA ILE A 141 9.49 6.00 5.44
C ILE A 141 9.58 5.42 6.84
N HIS A 142 9.18 4.15 6.97
CA HIS A 142 9.21 3.50 8.26
C HIS A 142 10.32 2.47 8.38
N CYS A 143 11.08 2.19 7.28
CA CYS A 143 12.21 1.26 7.44
C CYS A 143 13.19 1.76 8.50
N ARG A 144 13.36 3.10 8.60
CA ARG A 144 14.23 3.72 9.61
C ARG A 144 13.77 3.43 11.06
N ALA A 145 12.52 2.97 11.25
CA ALA A 145 11.99 2.63 12.56
C ALA A 145 12.22 1.15 12.90
N ILE A 146 12.86 0.41 11.98
CA ILE A 146 13.28 -0.97 12.19
C ILE A 146 14.80 -1.03 12.26
N LEU A 147 15.50 -0.41 11.30
CA LEU A 147 16.95 -0.50 11.26
C LEU A 147 17.60 0.78 10.67
N PRO A 148 18.86 1.08 11.04
CA PRO A 148 19.52 2.28 10.48
C PRO A 148 19.80 2.04 9.00
N CYS A 149 19.39 2.97 8.14
CA CYS A 149 19.53 2.80 6.70
C CYS A 149 19.46 4.14 6.00
N GLN A 150 19.80 4.17 4.69
CA GLN A 150 19.54 5.34 3.84
C GLN A 150 18.08 5.13 3.42
N ASP A 151 17.14 5.72 4.18
CA ASP A 151 15.70 5.47 3.99
C ASP A 151 15.07 6.32 2.90
N THR A 152 15.46 5.99 1.67
CA THR A 152 15.09 6.67 0.44
C THR A 152 14.97 5.65 -0.67
N PRO A 153 13.92 5.76 -1.51
CA PRO A 153 13.78 4.82 -2.63
C PRO A 153 14.78 5.08 -3.76
N SER A 154 15.63 6.13 -3.64
CA SER A 154 16.68 6.46 -4.64
C SER A 154 17.89 5.49 -4.53
N VAL A 155 17.92 4.66 -3.47
CA VAL A 155 19.00 3.70 -3.22
C VAL A 155 18.41 2.29 -3.26
N LYS A 156 19.03 1.38 -4.03
CA LYS A 156 18.54 0.00 -4.10
C LYS A 156 19.64 -0.95 -3.66
N LEU A 157 19.28 -1.91 -2.82
CA LEU A 157 20.22 -2.87 -2.25
C LEU A 157 19.65 -4.28 -2.24
N THR A 158 20.57 -5.27 -2.24
CA THR A 158 20.15 -6.66 -2.06
C THR A 158 20.17 -6.89 -0.54
N TYR A 159 19.56 -7.98 -0.06
CA TYR A 159 19.64 -8.29 1.36
C TYR A 159 19.62 -9.77 1.71
N THR A 160 20.25 -10.10 2.84
CA THR A 160 20.20 -11.46 3.39
C THR A 160 19.77 -11.27 4.84
N ALA A 161 19.00 -12.18 5.38
CA ALA A 161 18.61 -12.03 6.78
C ALA A 161 18.48 -13.37 7.48
N GLU A 162 18.81 -13.39 8.78
CA GLU A 162 18.65 -14.53 9.69
C GLU A 162 17.84 -13.98 10.86
N VAL A 163 16.66 -14.56 11.10
CA VAL A 163 15.76 -14.05 12.14
C VAL A 163 15.48 -15.13 13.18
N SER A 164 15.81 -14.84 14.44
CA SER A 164 15.55 -15.78 15.53
C SER A 164 14.19 -15.49 16.15
N VAL A 165 13.36 -16.53 16.25
CA VAL A 165 12.00 -16.40 16.77
C VAL A 165 11.67 -17.55 17.72
N PRO A 166 10.69 -17.40 18.64
CA PRO A 166 10.26 -18.56 19.46
C PRO A 166 9.91 -19.71 18.50
N LYS A 167 10.42 -20.92 18.81
CA LYS A 167 10.29 -22.11 17.95
C LYS A 167 8.87 -22.50 17.47
N GLU A 168 7.83 -22.11 18.22
CA GLU A 168 6.44 -22.41 17.83
C GLU A 168 5.93 -21.48 16.74
N LEU A 169 6.70 -20.45 16.40
CA LEU A 169 6.31 -19.45 15.40
C LEU A 169 7.11 -19.52 14.10
N VAL A 170 6.61 -18.83 13.05
CA VAL A 170 7.21 -18.80 11.73
C VAL A 170 7.49 -17.36 11.36
N ALA A 171 8.63 -17.10 10.74
CA ALA A 171 9.03 -15.81 10.22
C ALA A 171 8.97 -15.90 8.70
N LEU A 172 8.52 -14.82 8.04
CA LEU A 172 8.57 -14.69 6.58
C LEU A 172 9.06 -13.28 6.30
N MET A 173 9.72 -13.11 5.18
CA MET A 173 10.23 -11.80 4.72
C MET A 173 9.97 -11.61 3.24
N SER A 174 10.24 -10.38 2.76
CA SER A 174 10.10 -10.00 1.35
C SER A 174 11.34 -10.52 0.59
N ALA A 175 11.50 -11.85 0.58
CA ALA A 175 12.68 -12.48 0.06
C ALA A 175 12.40 -13.95 -0.14
N ILE A 176 13.37 -14.65 -0.73
CA ILE A 176 13.22 -16.08 -0.95
C ILE A 176 13.61 -16.80 0.35
N ARG A 177 12.77 -17.74 0.82
CA ARG A 177 13.06 -18.52 2.05
C ARG A 177 14.29 -19.36 1.78
N ASP A 178 15.25 -19.32 2.71
CA ASP A 178 16.54 -20.00 2.58
C ASP A 178 16.80 -20.99 3.74
N GLY A 179 15.74 -21.58 4.25
CA GLY A 179 15.82 -22.63 5.27
C GLY A 179 15.59 -22.18 6.69
N GLU A 180 15.40 -23.15 7.59
CA GLU A 180 15.20 -22.96 9.02
C GLU A 180 16.05 -23.97 9.79
N THR A 181 16.51 -23.57 10.99
CA THR A 181 17.26 -24.47 11.87
C THR A 181 16.92 -24.13 13.31
N PRO A 182 17.16 -25.05 14.29
CA PRO A 182 17.03 -24.64 15.68
C PRO A 182 18.08 -23.55 15.91
N ASP A 183 17.79 -22.59 16.78
CA ASP A 183 18.78 -21.54 17.04
C ASP A 183 19.96 -22.23 17.79
N PRO A 184 21.20 -22.21 17.26
CA PRO A 184 22.32 -22.85 17.99
C PRO A 184 22.64 -22.15 19.31
N GLU A 185 22.18 -20.90 19.50
CA GLU A 185 22.41 -20.16 20.75
C GLU A 185 21.29 -20.34 21.76
N ASP A 186 20.10 -20.87 21.34
CA ASP A 186 18.95 -21.06 22.22
C ASP A 186 17.98 -22.11 21.65
N PRO A 187 17.93 -23.34 22.22
CA PRO A 187 17.03 -24.38 21.70
C PRO A 187 15.51 -24.12 21.79
N SER A 188 15.09 -23.07 22.49
CA SER A 188 13.66 -22.70 22.56
C SER A 188 13.27 -21.84 21.32
N ARG A 189 14.23 -21.56 20.44
CA ARG A 189 14.06 -20.71 19.27
C ARG A 189 14.49 -21.37 17.96
N LYS A 190 14.01 -20.80 16.84
CA LYS A 190 14.41 -21.25 15.53
C LYS A 190 15.01 -20.04 14.82
N ILE A 191 15.91 -20.31 13.88
CA ILE A 191 16.45 -19.30 13.00
C ILE A 191 15.84 -19.56 11.60
N TYR A 192 15.24 -18.53 11.00
CA TYR A 192 14.70 -18.58 9.64
C TYR A 192 15.61 -17.69 8.79
N LYS A 193 16.05 -18.19 7.64
CA LYS A 193 16.97 -17.47 6.75
C LYS A 193 16.28 -17.00 5.48
N PHE A 194 16.75 -15.87 4.92
CA PHE A 194 16.12 -15.26 3.75
C PHE A 194 17.16 -14.66 2.81
N ILE A 195 16.85 -14.65 1.49
CA ILE A 195 17.77 -14.06 0.52
C ILE A 195 16.95 -13.28 -0.51
N GLN A 196 17.31 -12.00 -0.68
CA GLN A 196 16.72 -11.12 -1.69
C GLN A 196 17.87 -10.72 -2.60
N LYS A 197 17.99 -11.42 -3.75
CA LYS A 197 19.08 -11.23 -4.71
C LYS A 197 18.83 -10.11 -5.72
N VAL A 198 17.59 -9.59 -5.76
CA VAL A 198 17.28 -8.50 -6.69
C VAL A 198 17.39 -7.21 -5.90
N PRO A 199 18.14 -6.17 -6.40
CA PRO A 199 18.22 -4.91 -5.65
C PRO A 199 16.86 -4.23 -5.46
N ILE A 200 16.57 -3.83 -4.22
CA ILE A 200 15.29 -3.19 -3.88
C ILE A 200 15.51 -1.92 -3.07
N PRO A 201 14.52 -0.98 -3.15
CA PRO A 201 14.55 0.17 -2.21
C PRO A 201 14.17 -0.40 -0.83
N CYS A 202 14.69 0.18 0.27
CA CYS A 202 14.45 -0.35 1.61
C CYS A 202 12.99 -0.33 2.09
N TYR A 203 12.08 0.48 1.47
CA TYR A 203 10.66 0.45 1.90
C TYR A 203 10.06 -0.93 1.59
N LEU A 204 10.74 -1.72 0.74
CA LEU A 204 10.28 -3.05 0.38
C LEU A 204 10.75 -4.18 1.32
N ILE A 205 11.49 -3.82 2.39
CA ILE A 205 11.93 -4.80 3.37
C ILE A 205 10.69 -5.06 4.26
N ALA A 206 10.37 -6.33 4.48
CA ALA A 206 9.18 -6.66 5.29
C ALA A 206 9.42 -7.91 6.11
N LEU A 207 8.77 -7.97 7.25
CA LEU A 207 8.87 -9.08 8.18
C LEU A 207 7.52 -9.34 8.81
N VAL A 208 7.18 -10.63 8.95
CA VAL A 208 6.01 -11.11 9.70
C VAL A 208 6.49 -12.27 10.58
N VAL A 209 5.99 -12.36 11.81
CA VAL A 209 6.31 -13.50 12.70
C VAL A 209 5.00 -13.88 13.38
N GLY A 210 4.61 -15.13 13.23
CA GLY A 210 3.36 -15.60 13.84
C GLY A 210 3.09 -17.06 13.61
N ALA A 211 1.90 -17.51 14.06
CA ALA A 211 1.52 -18.94 13.93
C ALA A 211 0.94 -19.15 12.53
N LEU A 212 1.83 -19.21 11.54
CA LEU A 212 1.51 -19.26 10.11
C LEU A 212 1.57 -20.63 9.49
N GLU A 213 0.63 -20.89 8.57
CA GLU A 213 0.51 -22.14 7.80
C GLU A 213 0.42 -21.76 6.34
N SER A 214 0.80 -22.66 5.44
CA SER A 214 0.78 -22.35 4.01
C SER A 214 -0.01 -23.39 3.20
N ARG A 215 -0.53 -22.96 2.07
CA ARG A 215 -1.16 -23.86 1.10
C ARG A 215 -0.71 -23.45 -0.29
N GLN A 216 -0.30 -24.43 -1.12
CA GLN A 216 0.10 -24.13 -2.48
C GLN A 216 -1.16 -23.88 -3.34
N ILE A 217 -1.12 -22.82 -4.16
CA ILE A 217 -2.26 -22.45 -5.03
C ILE A 217 -1.84 -22.26 -6.50
N GLY A 218 -0.54 -22.32 -6.74
CA GLY A 218 0.02 -22.16 -8.07
C GLY A 218 1.43 -22.69 -8.15
N PRO A 219 2.03 -22.75 -9.35
CA PRO A 219 3.42 -23.27 -9.46
C PRO A 219 4.48 -22.44 -8.72
N ARG A 220 4.21 -21.16 -8.53
CA ARG A 220 5.15 -20.28 -7.84
C ARG A 220 4.48 -19.49 -6.72
N THR A 221 3.34 -20.02 -6.20
CA THR A 221 2.58 -19.29 -5.18
C THR A 221 2.05 -20.16 -4.07
N LEU A 222 2.39 -19.76 -2.85
CA LEU A 222 1.80 -20.31 -1.64
C LEU A 222 1.02 -19.17 -1.03
N VAL A 223 -0.08 -19.50 -0.38
CA VAL A 223 -0.84 -18.53 0.40
C VAL A 223 -0.50 -18.84 1.87
N TRP A 224 -0.17 -17.79 2.65
CA TRP A 224 0.16 -17.93 4.07
C TRP A 224 -0.84 -17.13 4.90
N SER A 225 -1.23 -17.69 6.05
CA SER A 225 -2.15 -17.04 7.00
CA SER A 225 -2.11 -17.03 7.02
C SER A 225 -2.20 -17.89 8.25
N GLU A 226 -2.93 -17.46 9.27
CA GLU A 226 -3.12 -18.34 10.41
C GLU A 226 -4.03 -19.45 9.87
N LYS A 227 -3.99 -20.64 10.49
CA LYS A 227 -4.77 -21.82 10.05
C LYS A 227 -6.23 -21.54 9.70
N GLU A 228 -6.92 -20.71 10.51
CA GLU A 228 -8.34 -20.37 10.36
C GLU A 228 -8.70 -19.75 8.99
N GLN A 229 -7.75 -19.07 8.33
CA GLN A 229 -7.99 -18.37 7.08
C GLN A 229 -7.39 -19.06 5.84
N VAL A 230 -6.56 -20.09 6.02
CA VAL A 230 -5.88 -20.75 4.89
C VAL A 230 -6.86 -21.22 3.78
N GLU A 231 -7.90 -22.00 4.14
CA GLU A 231 -8.85 -22.55 3.16
C GLU A 231 -9.57 -21.45 2.34
N LYS A 232 -10.14 -20.46 3.02
CA LYS A 232 -10.85 -19.35 2.38
C LYS A 232 -9.91 -18.53 1.48
N SER A 233 -8.66 -18.30 1.96
CA SER A 233 -7.66 -17.56 1.19
C SER A 233 -7.23 -18.28 -0.09
N ALA A 234 -7.05 -19.61 -0.02
CA ALA A 234 -6.62 -20.38 -1.19
C ALA A 234 -7.67 -20.26 -2.31
N TYR A 235 -8.96 -20.27 -1.94
CA TYR A 235 -10.06 -20.12 -2.90
C TYR A 235 -10.11 -18.68 -3.40
N GLU A 236 -10.11 -17.70 -2.48
CA GLU A 236 -10.25 -16.28 -2.87
C GLU A 236 -9.22 -15.83 -3.88
N PHE A 237 -8.00 -16.31 -3.72
CA PHE A 237 -6.88 -15.90 -4.55
C PHE A 237 -6.43 -16.94 -5.57
N SER A 238 -7.33 -17.84 -5.95
CA SER A 238 -7.00 -18.91 -6.94
C SER A 238 -6.64 -18.40 -8.35
N GLU A 239 -7.06 -17.17 -8.72
CA GLU A 239 -6.75 -16.60 -10.05
C GLU A 239 -5.31 -16.05 -10.11
N THR A 240 -4.54 -16.07 -8.99
CA THR A 240 -3.18 -15.50 -8.93
C THR A 240 -2.27 -15.90 -10.08
N GLU A 241 -2.12 -17.22 -10.32
CA GLU A 241 -1.25 -17.65 -11.42
C GLU A 241 -1.67 -17.09 -12.79
N SER A 242 -3.00 -17.11 -13.09
CA SER A 242 -3.51 -16.58 -14.36
CA SER A 242 -3.50 -16.59 -14.36
C SER A 242 -3.15 -15.11 -14.49
N MET A 243 -3.21 -14.37 -13.36
CA MET A 243 -2.86 -12.95 -13.35
C MET A 243 -1.35 -12.72 -13.57
N LEU A 244 -0.53 -13.59 -12.97
CA LEU A 244 0.92 -13.49 -13.14
C LEU A 244 1.29 -13.74 -14.60
N LYS A 245 0.62 -14.72 -15.25
CA LYS A 245 0.92 -14.99 -16.68
C LYS A 245 0.58 -13.77 -17.58
N ILE A 246 -0.55 -13.11 -17.31
CA ILE A 246 -0.95 -11.91 -18.07
C ILE A 246 0.05 -10.78 -17.78
N ALA A 247 0.40 -10.56 -16.50
CA ALA A 247 1.35 -9.50 -16.15
C ALA A 247 2.72 -9.70 -16.84
N GLU A 248 3.23 -10.96 -16.91
CA GLU A 248 4.48 -11.28 -17.62
C GLU A 248 4.40 -10.91 -19.09
N ASP A 249 3.23 -11.16 -19.69
CA ASP A 249 3.02 -10.86 -21.10
C ASP A 249 3.06 -9.35 -21.32
N LEU A 250 2.51 -8.58 -20.38
CA LEU A 250 2.47 -7.13 -20.47
C LEU A 250 3.76 -6.41 -20.07
N GLY A 251 4.42 -6.88 -19.01
CA GLY A 251 5.60 -6.20 -18.47
C GLY A 251 6.94 -6.85 -18.71
N GLY A 252 6.94 -8.06 -19.26
CA GLY A 252 8.16 -8.82 -19.48
C GLY A 252 8.41 -9.79 -18.32
N PRO A 253 9.59 -10.42 -18.29
CA PRO A 253 9.83 -11.45 -17.25
C PRO A 253 9.56 -11.07 -15.81
N TYR A 254 8.99 -12.02 -15.06
CA TYR A 254 8.80 -11.90 -13.62
C TYR A 254 10.17 -12.30 -13.04
N VAL A 255 10.92 -11.36 -12.44
CA VAL A 255 12.31 -11.65 -12.02
C VAL A 255 12.52 -12.11 -10.59
N TRP A 256 11.46 -12.11 -9.80
CA TRP A 256 11.49 -12.32 -8.35
C TRP A 256 11.48 -13.74 -7.83
N GLY A 257 11.37 -14.71 -8.71
CA GLY A 257 11.34 -16.11 -8.31
C GLY A 257 9.93 -16.52 -7.91
N GLN A 258 9.64 -16.34 -6.65
CA GLN A 258 8.36 -16.72 -6.05
C GLN A 258 7.37 -15.53 -6.06
N TYR A 259 6.07 -15.85 -6.05
CA TYR A 259 5.02 -14.87 -5.81
C TYR A 259 4.10 -15.48 -4.76
N ASP A 260 4.41 -15.28 -3.49
CA ASP A 260 3.57 -15.78 -2.38
C ASP A 260 2.66 -14.66 -1.89
N LEU A 261 1.61 -15.05 -1.16
CA LEU A 261 0.64 -14.12 -0.58
C LEU A 261 0.54 -14.41 0.89
N LEU A 262 0.49 -13.34 1.67
CA LEU A 262 0.29 -13.41 3.11
C LEU A 262 -0.99 -12.63 3.43
N VAL A 263 -1.94 -13.29 4.11
CA VAL A 263 -3.21 -12.69 4.51
C VAL A 263 -3.03 -12.32 5.96
N LEU A 264 -2.90 -11.04 6.22
CA LEU A 264 -2.58 -10.54 7.56
C LEU A 264 -3.80 -10.54 8.50
N PRO A 265 -3.60 -10.25 9.82
CA PRO A 265 -4.75 -10.07 10.71
C PRO A 265 -5.53 -8.81 10.28
N PRO A 266 -6.77 -8.59 10.80
CA PRO A 266 -7.60 -7.47 10.31
C PRO A 266 -7.08 -6.06 10.49
N SER A 267 -6.10 -5.83 11.40
CA SER A 267 -5.56 -4.48 11.59
C SER A 267 -4.54 -4.07 10.54
N PHE A 268 -4.24 -4.95 9.56
CA PHE A 268 -3.34 -4.56 8.48
C PHE A 268 -3.86 -3.25 7.82
N PRO A 269 -3.06 -2.15 7.82
CA PRO A 269 -3.62 -0.84 7.41
C PRO A 269 -3.95 -0.58 5.96
N TYR A 270 -3.40 -1.38 5.03
CA TYR A 270 -3.65 -1.19 3.61
C TYR A 270 -4.37 -2.40 2.96
N GLY A 271 -4.90 -2.24 1.75
CA GLY A 271 -5.52 -3.33 1.01
C GLY A 271 -4.47 -4.37 0.64
N GLY A 272 -3.33 -3.87 0.18
CA GLY A 272 -2.21 -4.73 -0.17
C GLY A 272 -0.90 -3.96 -0.08
N MET A 273 0.22 -4.68 0.08
CA MET A 273 1.57 -4.10 0.06
C MET A 273 2.40 -5.06 -0.77
N GLU A 274 2.99 -4.54 -1.85
CA GLU A 274 3.73 -5.27 -2.87
C GLU A 274 5.12 -5.75 -2.41
N ASN A 275 5.22 -6.29 -1.18
CA ASN A 275 6.54 -6.75 -0.71
C ASN A 275 7.07 -7.84 -1.64
N PRO A 276 8.29 -7.68 -2.19
CA PRO A 276 8.77 -8.62 -3.22
C PRO A 276 8.85 -10.04 -2.69
N CYS A 277 8.34 -11.01 -3.48
CA CYS A 277 8.28 -12.44 -3.18
C CYS A 277 7.12 -12.78 -2.25
N LEU A 278 6.58 -11.79 -1.54
CA LEU A 278 5.56 -12.03 -0.53
C LEU A 278 4.60 -10.85 -0.37
N THR A 279 3.61 -10.77 -1.26
CA THR A 279 2.62 -9.69 -1.16
C THR A 279 1.82 -9.87 0.13
N PHE A 280 1.59 -8.75 0.85
CA PHE A 280 0.78 -8.70 2.07
C PHE A 280 -0.62 -8.22 1.67
N VAL A 281 -1.69 -8.90 2.16
CA VAL A 281 -3.06 -8.47 1.86
C VAL A 281 -3.94 -8.38 3.11
N THR A 282 -4.92 -7.50 3.07
CA THR A 282 -5.91 -7.36 4.14
C THR A 282 -6.85 -8.60 4.08
N PRO A 283 -7.32 -9.12 5.24
CA PRO A 283 -8.32 -10.20 5.21
C PRO A 283 -9.69 -9.68 4.77
N THR A 284 -9.84 -8.35 4.63
CA THR A 284 -11.11 -7.78 4.12
C THR A 284 -11.32 -8.12 2.63
N LEU A 285 -10.31 -8.72 1.94
CA LEU A 285 -10.48 -9.19 0.56
C LEU A 285 -11.27 -10.53 0.53
N LEU A 286 -11.43 -11.20 1.67
CA LEU A 286 -12.07 -12.54 1.73
C LEU A 286 -13.61 -12.48 1.62
N ALA A 287 -14.09 -12.02 0.46
CA ALA A 287 -15.51 -11.82 0.17
C ALA A 287 -16.25 -13.17 -0.06
N GLY A 288 -15.51 -14.21 -0.41
CA GLY A 288 -16.05 -15.55 -0.71
C GLY A 288 -16.33 -15.83 -2.18
N ASP A 289 -16.13 -14.84 -3.07
CA ASP A 289 -16.46 -15.00 -4.49
C ASP A 289 -15.39 -14.46 -5.45
N LYS A 290 -14.21 -14.11 -4.90
CA LYS A 290 -13.05 -13.60 -5.67
C LYS A 290 -13.31 -12.20 -6.24
N SER A 291 -14.42 -11.53 -5.85
CA SER A 291 -14.80 -10.22 -6.40
C SER A 291 -13.81 -9.07 -6.10
N LEU A 292 -12.97 -9.22 -5.07
CA LEU A 292 -12.00 -8.16 -4.72
C LEU A 292 -10.58 -8.48 -5.19
N SER A 293 -10.47 -9.41 -6.17
CA SER A 293 -9.19 -9.87 -6.74
C SER A 293 -8.40 -8.83 -7.49
N ASN A 294 -9.01 -7.65 -7.83
CA ASN A 294 -8.26 -6.60 -8.51
C ASN A 294 -7.09 -6.15 -7.61
N VAL A 295 -7.23 -6.26 -6.29
CA VAL A 295 -6.16 -5.91 -5.36
C VAL A 295 -4.93 -6.84 -5.62
N ILE A 296 -5.18 -8.13 -5.86
CA ILE A 296 -4.08 -9.07 -6.20
C ILE A 296 -3.47 -8.65 -7.52
N ALA A 297 -4.30 -8.31 -8.53
CA ALA A 297 -3.82 -7.87 -9.85
C ALA A 297 -2.94 -6.60 -9.70
N HIS A 298 -3.32 -5.69 -8.80
CA HIS A 298 -2.58 -4.48 -8.49
C HIS A 298 -1.21 -4.84 -7.85
N GLU A 299 -1.22 -5.70 -6.82
CA GLU A 299 0.02 -6.07 -6.15
C GLU A 299 0.99 -6.80 -7.08
N ILE A 300 0.45 -7.71 -7.92
CA ILE A 300 1.23 -8.43 -8.92
C ILE A 300 1.88 -7.40 -9.84
N SER A 301 1.08 -6.42 -10.35
CA SER A 301 1.60 -5.41 -11.28
C SER A 301 2.80 -4.63 -10.72
N HIS A 302 2.80 -4.36 -9.40
CA HIS A 302 3.92 -3.66 -8.75
C HIS A 302 5.26 -4.40 -8.91
N SER A 303 5.25 -5.70 -9.24
CA SER A 303 6.47 -6.50 -9.47
C SER A 303 7.28 -5.92 -10.64
N TRP A 304 6.60 -5.07 -11.46
CA TRP A 304 7.23 -4.36 -12.58
C TRP A 304 7.25 -2.85 -12.23
N THR A 305 6.08 -2.25 -12.09
CA THR A 305 5.91 -0.81 -11.84
C THR A 305 5.90 -0.51 -10.34
N GLY A 306 7.05 -0.14 -9.82
CA GLY A 306 7.25 0.17 -8.42
C GLY A 306 8.43 -0.60 -7.89
N ASN A 307 8.45 -1.94 -8.07
CA ASN A 307 9.54 -2.77 -7.53
C ASN A 307 10.76 -2.89 -8.43
N LEU A 308 10.56 -2.85 -9.76
CA LEU A 308 11.64 -2.90 -10.75
C LEU A 308 11.95 -1.46 -11.13
N VAL A 309 10.94 -0.70 -11.59
CA VAL A 309 11.07 0.72 -11.90
C VAL A 309 10.51 1.39 -10.66
N THR A 310 11.31 2.19 -9.96
CA THR A 310 10.88 2.78 -8.68
C THR A 310 10.90 4.30 -8.73
N ASN A 311 10.03 4.95 -7.95
CA ASN A 311 10.06 6.42 -7.83
C ASN A 311 11.34 6.83 -7.08
N LYS A 312 12.07 7.84 -7.59
CA LYS A 312 13.33 8.31 -7.00
C LYS A 312 13.10 8.94 -5.63
N THR A 313 11.98 9.68 -5.48
CA THR A 313 11.60 10.27 -4.19
C THR A 313 10.09 10.10 -4.09
N TRP A 314 9.54 10.33 -2.89
CA TRP A 314 8.10 10.21 -2.69
C TRP A 314 7.26 11.29 -3.38
N ASP A 315 7.91 12.36 -3.89
CA ASP A 315 7.21 13.41 -4.65
C ASP A 315 6.73 12.83 -6.01
N HIS A 316 7.37 11.74 -6.46
CA HIS A 316 7.08 11.11 -7.74
C HIS A 316 6.37 9.77 -7.59
N PHE A 317 5.67 9.58 -6.45
CA PHE A 317 4.96 8.36 -6.11
C PHE A 317 3.92 7.96 -7.16
N TRP A 318 3.34 8.94 -7.87
CA TRP A 318 2.36 8.61 -8.93
C TRP A 318 2.97 7.69 -9.98
N LEU A 319 4.30 7.76 -10.22
CA LEU A 319 4.93 6.86 -11.20
C LEU A 319 4.67 5.43 -10.82
N ASN A 320 4.83 5.11 -9.52
CA ASN A 320 4.57 3.77 -8.98
C ASN A 320 3.10 3.41 -9.09
N GLU A 321 2.23 4.27 -8.57
CA GLU A 321 0.80 3.95 -8.51
C GLU A 321 0.03 4.05 -9.80
N GLY A 322 0.23 5.14 -10.55
CA GLY A 322 -0.45 5.35 -11.83
C GLY A 322 -0.20 4.21 -12.81
N HIS A 323 1.08 3.83 -13.02
CA HIS A 323 1.39 2.73 -13.94
C HIS A 323 0.89 1.39 -13.42
N THR A 324 0.87 1.20 -12.07
CA THR A 324 0.37 -0.06 -11.51
C THR A 324 -1.12 -0.22 -11.73
N VAL A 325 -1.90 0.85 -11.49
CA VAL A 325 -3.35 0.82 -11.69
C VAL A 325 -3.60 0.58 -13.18
N TYR A 326 -2.78 1.20 -14.04
CA TYR A 326 -2.92 1.01 -15.49
C TYR A 326 -2.73 -0.47 -15.86
N LEU A 327 -1.68 -1.10 -15.35
CA LEU A 327 -1.42 -2.51 -15.60
C LEU A 327 -2.50 -3.41 -14.98
N GLU A 328 -2.91 -3.12 -13.71
CA GLU A 328 -3.95 -3.86 -12.99
C GLU A 328 -5.23 -3.92 -13.85
N ARG A 329 -5.65 -2.76 -14.38
CA ARG A 329 -6.86 -2.65 -15.20
C ARG A 329 -6.77 -3.39 -16.53
N HIS A 330 -5.54 -3.49 -17.11
CA HIS A 330 -5.32 -4.31 -18.30
C HIS A 330 -5.42 -5.79 -17.94
N ILE A 331 -4.92 -6.20 -16.76
CA ILE A 331 -5.02 -7.61 -16.33
C ILE A 331 -6.50 -8.00 -16.20
N CYS A 332 -7.26 -7.17 -15.47
CA CYS A 332 -8.67 -7.45 -15.26
C CYS A 332 -9.47 -7.40 -16.59
N GLY A 333 -9.07 -6.52 -17.50
CA GLY A 333 -9.61 -6.41 -18.86
C GLY A 333 -9.31 -7.65 -19.70
N ARG A 334 -8.12 -8.25 -19.52
CA ARG A 334 -7.79 -9.47 -20.26
C ARG A 334 -8.63 -10.64 -19.73
N LEU A 335 -8.82 -10.71 -18.41
CA LEU A 335 -9.58 -11.79 -17.80
C LEU A 335 -11.08 -11.69 -17.99
N PHE A 336 -11.60 -10.47 -17.94
CA PHE A 336 -13.04 -10.24 -17.97
C PHE A 336 -13.63 -9.44 -19.13
N GLY A 337 -12.79 -8.86 -19.97
CA GLY A 337 -13.24 -8.11 -21.13
C GLY A 337 -12.98 -6.61 -21.05
N GLU A 338 -12.86 -5.99 -22.22
CA GLU A 338 -12.60 -4.56 -22.34
C GLU A 338 -13.71 -3.69 -21.72
N LYS A 339 -14.99 -4.14 -21.80
CA LYS A 339 -16.10 -3.38 -21.17
C LYS A 339 -15.87 -3.30 -19.63
N PHE A 340 -15.31 -4.37 -19.04
CA PHE A 340 -14.99 -4.40 -17.61
C PHE A 340 -13.84 -3.44 -17.28
N ARG A 341 -12.82 -3.35 -18.16
CA ARG A 341 -11.70 -2.42 -17.95
C ARG A 341 -12.22 -1.00 -17.93
N HIS A 342 -13.09 -0.64 -18.86
CA HIS A 342 -13.69 0.70 -18.90
C HIS A 342 -14.56 0.97 -17.66
N PHE A 343 -15.32 -0.04 -17.21
CA PHE A 343 -16.17 0.07 -16.00
C PHE A 343 -15.26 0.43 -14.80
N ASN A 344 -14.17 -0.35 -14.60
CA ASN A 344 -13.25 -0.08 -13.51
C ASN A 344 -12.55 1.25 -13.63
N ALA A 345 -12.19 1.64 -14.87
CA ALA A 345 -11.53 2.93 -15.14
C ALA A 345 -12.47 4.07 -14.79
N LEU A 346 -13.77 3.94 -15.15
CA LEU A 346 -14.77 4.99 -14.88
C LEU A 346 -15.05 5.11 -13.36
N GLY A 347 -15.07 3.97 -12.69
CA GLY A 347 -15.19 3.90 -11.24
C GLY A 347 -14.03 4.63 -10.57
N GLY A 348 -12.83 4.46 -11.13
CA GLY A 348 -11.63 5.14 -10.64
C GLY A 348 -11.73 6.64 -10.75
N TRP A 349 -12.28 7.15 -11.87
CA TRP A 349 -12.49 8.58 -12.06
C TRP A 349 -13.40 9.11 -10.94
N GLY A 350 -14.43 8.34 -10.58
CA GLY A 350 -15.36 8.69 -9.52
C GLY A 350 -14.66 8.80 -8.17
N GLU A 351 -13.71 7.87 -7.91
CA GLU A 351 -12.94 7.89 -6.67
C GLU A 351 -12.02 9.13 -6.65
N LEU A 352 -11.50 9.52 -7.82
CA LEU A 352 -10.69 10.74 -7.95
C LEU A 352 -11.55 11.96 -7.63
N GLN A 353 -12.80 11.99 -8.16
CA GLN A 353 -13.74 13.11 -7.90
C GLN A 353 -13.92 13.26 -6.39
N ASN A 354 -14.14 12.12 -5.68
CA ASN A 354 -14.32 12.07 -4.23
C ASN A 354 -13.13 12.60 -3.51
N SER A 355 -11.90 12.16 -3.87
CA SER A 355 -10.66 12.61 -3.22
C SER A 355 -10.44 14.11 -3.42
N VAL A 356 -10.69 14.61 -4.64
CA VAL A 356 -10.54 16.03 -4.96
C VAL A 356 -11.57 16.84 -4.14
N LYS A 357 -12.81 16.36 -4.04
CA LYS A 357 -13.86 17.05 -3.29
C LYS A 357 -13.54 17.11 -1.79
N THR A 358 -12.99 15.99 -1.23
CA THR A 358 -12.61 15.86 0.18
C THR A 358 -11.49 16.86 0.55
N PHE A 359 -10.40 16.88 -0.25
CA PHE A 359 -9.27 17.80 0.01
C PHE A 359 -9.60 19.24 -0.37
N GLY A 360 -10.37 19.40 -1.44
CA GLY A 360 -10.65 20.69 -2.05
C GLY A 360 -9.87 20.79 -3.34
N GLU A 361 -10.47 21.35 -4.38
CA GLU A 361 -9.88 21.44 -5.71
C GLU A 361 -8.57 22.23 -5.86
N THR A 362 -8.17 23.04 -4.85
CA THR A 362 -6.93 23.81 -4.88
C THR A 362 -5.88 23.22 -3.91
N HIS A 363 -6.23 22.11 -3.22
CA HIS A 363 -5.32 21.51 -2.24
C HIS A 363 -4.05 20.93 -2.91
N PRO A 364 -2.84 21.26 -2.34
CA PRO A 364 -1.58 20.73 -2.91
C PRO A 364 -1.46 19.21 -3.00
N PHE A 365 -2.21 18.45 -2.16
CA PHE A 365 -2.17 16.98 -2.21
C PHE A 365 -2.95 16.41 -3.41
N THR A 366 -3.67 17.27 -4.18
CA THR A 366 -4.41 16.86 -5.38
C THR A 366 -3.53 17.02 -6.64
N LYS A 367 -2.29 17.57 -6.47
CA LYS A 367 -1.33 17.67 -7.56
C LYS A 367 -0.82 16.25 -7.79
N LEU A 368 -0.48 15.93 -9.06
CA LEU A 368 0.06 14.61 -9.42
C LEU A 368 1.46 14.43 -8.86
N VAL A 369 2.33 15.44 -9.09
CA VAL A 369 3.67 15.54 -8.53
C VAL A 369 3.51 16.47 -7.32
N VAL A 370 3.82 15.95 -6.15
CA VAL A 370 3.66 16.67 -4.89
C VAL A 370 5.00 17.17 -4.36
N ASP A 371 4.97 18.10 -3.42
CA ASP A 371 6.18 18.56 -2.80
C ASP A 371 6.04 18.18 -1.33
N LEU A 372 6.72 17.09 -0.94
CA LEU A 372 6.64 16.59 0.44
C LEU A 372 7.59 17.22 1.46
N THR A 373 8.19 18.40 1.14
CA THR A 373 9.04 19.13 2.09
C THR A 373 8.20 19.43 3.34
N ASP A 374 8.63 18.90 4.48
CA ASP A 374 7.96 19.10 5.78
C ASP A 374 6.53 18.55 5.89
N ILE A 375 6.20 17.57 5.03
CA ILE A 375 4.91 16.87 5.05
C ILE A 375 5.17 15.40 5.37
N ASP A 376 4.43 14.84 6.33
CA ASP A 376 4.53 13.42 6.64
C ASP A 376 3.87 12.67 5.43
N PRO A 377 4.61 11.77 4.73
CA PRO A 377 3.99 11.05 3.59
C PRO A 377 2.67 10.34 3.93
N ASP A 378 2.53 9.82 5.16
CA ASP A 378 1.31 9.13 5.60
C ASP A 378 0.09 10.05 5.63
N VAL A 379 0.30 11.35 5.91
CA VAL A 379 -0.74 12.38 5.94
C VAL A 379 -1.18 12.76 4.51
N ALA A 380 -0.23 12.79 3.56
CA ALA A 380 -0.50 13.15 2.16
C ALA A 380 -1.11 12.00 1.36
N TYR A 381 -0.94 10.75 1.82
CA TYR A 381 -1.43 9.56 1.15
C TYR A 381 -2.93 9.63 0.82
N SER A 382 -3.28 9.28 -0.44
CA SER A 382 -4.67 9.28 -0.94
C SER A 382 -4.78 8.56 -2.29
N SER A 383 -5.99 8.59 -2.88
CA SER A 383 -6.31 8.03 -4.21
C SER A 383 -5.75 8.87 -5.36
N VAL A 384 -5.33 10.11 -5.09
CA VAL A 384 -4.84 11.00 -6.12
C VAL A 384 -3.71 10.38 -6.99
N PRO A 385 -2.57 9.92 -6.43
CA PRO A 385 -1.53 9.36 -7.30
C PRO A 385 -1.99 8.13 -8.10
N TYR A 386 -2.89 7.30 -7.51
CA TYR A 386 -3.46 6.13 -8.17
C TYR A 386 -4.33 6.54 -9.34
N GLU A 387 -5.32 7.40 -9.08
CA GLU A 387 -6.36 7.75 -10.06
C GLU A 387 -6.08 8.88 -10.98
N LYS A 388 -5.43 9.93 -10.49
CA LYS A 388 -5.02 11.00 -11.41
C LYS A 388 -3.90 10.45 -12.31
N GLY A 389 -3.03 9.60 -11.74
CA GLY A 389 -1.97 8.94 -12.49
C GLY A 389 -2.56 8.02 -13.54
N PHE A 390 -3.56 7.19 -13.13
CA PHE A 390 -4.23 6.31 -14.08
C PHE A 390 -4.88 7.14 -15.18
N ALA A 391 -5.64 8.21 -14.80
CA ALA A 391 -6.34 9.06 -15.80
C ALA A 391 -5.39 9.63 -16.84
N LEU A 392 -4.21 10.08 -16.41
CA LEU A 392 -3.18 10.58 -17.33
C LEU A 392 -2.77 9.52 -18.34
N LEU A 393 -2.46 8.32 -17.86
CA LEU A 393 -2.04 7.22 -18.75
C LEU A 393 -3.16 6.77 -19.69
N PHE A 394 -4.41 6.73 -19.19
CA PHE A 394 -5.58 6.33 -19.99
C PHE A 394 -5.87 7.40 -21.07
N TYR A 395 -5.73 8.66 -20.70
CA TYR A 395 -5.86 9.80 -21.65
C TYR A 395 -4.77 9.69 -22.76
N LEU A 396 -3.51 9.43 -22.36
CA LEU A 396 -2.39 9.27 -23.29
C LEU A 396 -2.61 8.05 -24.19
N GLU A 397 -3.16 6.96 -23.63
CA GLU A 397 -3.47 5.77 -24.42
C GLU A 397 -4.42 6.16 -25.56
N GLN A 398 -5.49 6.91 -25.23
CA GLN A 398 -6.47 7.32 -26.24
C GLN A 398 -5.91 8.30 -27.26
N LEU A 399 -5.06 9.20 -26.80
CA LEU A 399 -4.42 10.20 -27.63
C LEU A 399 -3.41 9.60 -28.63
N LEU A 400 -2.71 8.55 -28.19
CA LEU A 400 -1.62 7.89 -28.91
C LEU A 400 -1.92 6.68 -29.80
N GLY A 401 -3.19 6.28 -29.91
CA GLY A 401 -3.56 5.22 -30.82
C GLY A 401 -4.12 3.93 -30.24
N GLY A 402 -4.37 3.94 -28.93
CA GLY A 402 -5.02 2.80 -28.31
C GLY A 402 -4.18 1.93 -27.38
N PRO A 403 -4.87 0.95 -26.75
CA PRO A 403 -4.21 0.10 -25.74
C PRO A 403 -3.04 -0.71 -26.24
N GLU A 404 -3.15 -1.33 -27.42
CA GLU A 404 -2.01 -2.11 -27.94
C GLU A 404 -0.75 -1.23 -28.09
N ILE A 405 -0.91 -0.03 -28.67
CA ILE A 405 0.20 0.92 -28.85
C ILE A 405 0.77 1.36 -27.49
N PHE A 406 -0.11 1.77 -26.54
CA PHE A 406 0.32 2.23 -25.22
C PHE A 406 0.96 1.13 -24.38
N LEU A 407 0.49 -0.14 -24.54
CA LEU A 407 1.11 -1.27 -23.84
C LEU A 407 2.55 -1.53 -24.36
N GLY A 408 2.80 -1.21 -25.64
CA GLY A 408 4.15 -1.31 -26.22
C GLY A 408 5.06 -0.35 -25.50
N PHE A 409 4.57 0.87 -25.23
CA PHE A 409 5.33 1.87 -24.46
C PHE A 409 5.58 1.38 -23.03
N LEU A 410 4.53 0.88 -22.36
CA LEU A 410 4.64 0.38 -20.98
C LEU A 410 5.79 -0.67 -20.85
N LYS A 411 5.82 -1.65 -21.76
CA LYS A 411 6.84 -2.71 -21.73
C LYS A 411 8.25 -2.13 -21.98
N ALA A 412 8.36 -1.20 -22.92
CA ALA A 412 9.65 -0.56 -23.22
C ALA A 412 10.14 0.27 -22.02
N TYR A 413 9.21 0.99 -21.34
CA TYR A 413 9.46 1.81 -20.14
C TYR A 413 9.99 0.94 -19.01
N VAL A 414 9.35 -0.21 -18.77
CA VAL A 414 9.80 -1.15 -17.72
C VAL A 414 11.22 -1.68 -18.07
N GLU A 415 11.46 -2.01 -19.36
CA GLU A 415 12.77 -2.52 -19.80
C GLU A 415 13.85 -1.45 -19.60
N LYS A 416 13.56 -0.21 -20.01
CA LYS A 416 14.50 0.91 -19.94
C LYS A 416 14.94 1.24 -18.51
N PHE A 417 13.99 1.23 -17.57
CA PHE A 417 14.26 1.66 -16.20
C PHE A 417 14.33 0.58 -15.13
N SER A 418 14.35 -0.71 -15.54
CA SER A 418 14.47 -1.81 -14.60
C SER A 418 15.69 -1.64 -13.72
N TYR A 419 15.48 -1.86 -12.39
CA TYR A 419 16.49 -1.79 -11.33
C TYR A 419 16.92 -0.36 -11.08
N LYS A 420 16.18 0.62 -11.60
CA LYS A 420 16.56 2.03 -11.41
C LYS A 420 15.47 2.78 -10.64
N SER A 421 15.79 4.00 -10.17
CA SER A 421 14.87 4.91 -9.46
C SER A 421 14.84 6.17 -10.30
N ILE A 422 13.64 6.61 -10.71
CA ILE A 422 13.47 7.69 -11.68
C ILE A 422 12.50 8.78 -11.23
N THR A 423 12.52 9.93 -11.94
CA THR A 423 11.63 11.05 -11.66
C THR A 423 10.59 11.16 -12.78
N THR A 424 9.63 12.08 -12.59
CA THR A 424 8.61 12.41 -13.60
C THR A 424 9.32 12.88 -14.89
N ASP A 425 10.40 13.68 -14.77
CA ASP A 425 11.15 14.14 -15.94
C ASP A 425 11.77 13.00 -16.75
N ASP A 426 12.30 11.97 -16.06
CA ASP A 426 12.82 10.77 -16.74
C ASP A 426 11.69 10.06 -17.48
N TRP A 427 10.53 9.89 -16.83
CA TRP A 427 9.38 9.24 -17.49
C TRP A 427 8.96 10.03 -18.75
N LYS A 428 8.76 11.35 -18.61
CA LYS A 428 8.29 12.21 -19.71
C LYS A 428 9.26 12.20 -20.90
N ASP A 429 10.56 12.24 -20.58
CA ASP A 429 11.65 12.23 -21.56
C ASP A 429 11.58 10.93 -22.36
N PHE A 430 11.36 9.78 -21.66
CA PHE A 430 11.23 8.49 -22.33
C PHE A 430 9.95 8.38 -23.14
N LEU A 431 8.82 8.92 -22.63
CA LEU A 431 7.56 8.95 -23.36
C LEU A 431 7.79 9.70 -24.69
N TYR A 432 8.46 10.87 -24.62
CA TYR A 432 8.77 11.65 -25.83
C TYR A 432 9.68 10.92 -26.80
N SER A 433 10.66 10.15 -26.27
CA SER A 433 11.63 9.37 -27.06
C SER A 433 10.92 8.24 -27.78
N TYR A 434 10.13 7.45 -27.04
CA TYR A 434 9.39 6.33 -27.60
C TYR A 434 8.37 6.79 -28.66
N PHE A 435 7.64 7.88 -28.36
CA PHE A 435 6.62 8.42 -29.26
C PHE A 435 7.15 9.60 -30.08
N LYS A 436 8.43 9.53 -30.50
CA LYS A 436 9.04 10.61 -31.28
C LYS A 436 8.25 10.98 -32.55
N ASP A 437 7.60 9.99 -33.18
CA ASP A 437 6.76 10.21 -34.37
C ASP A 437 5.37 10.79 -34.07
N LYS A 438 5.04 10.96 -32.78
CA LYS A 438 3.75 11.51 -32.32
C LYS A 438 3.95 12.72 -31.37
N VAL A 439 5.12 13.40 -31.50
CA VAL A 439 5.46 14.56 -30.67
C VAL A 439 4.48 15.73 -30.84
N ASP A 440 3.93 15.91 -32.07
CA ASP A 440 2.93 16.95 -32.37
C ASP A 440 1.70 16.78 -31.46
N VAL A 441 1.27 15.51 -31.26
CA VAL A 441 0.15 15.14 -30.38
C VAL A 441 0.54 15.29 -28.90
N LEU A 442 1.76 14.89 -28.54
CA LEU A 442 2.28 15.00 -27.16
C LEU A 442 2.38 16.45 -26.73
N ASN A 443 2.76 17.34 -27.66
CA ASN A 443 2.85 18.78 -27.39
C ASN A 443 1.50 19.45 -27.18
N GLN A 444 0.40 18.74 -27.50
CA GLN A 444 -0.95 19.26 -27.25
C GLN A 444 -1.37 19.03 -25.80
N VAL A 445 -0.71 18.08 -25.11
CA VAL A 445 -1.01 17.79 -23.69
C VAL A 445 -0.66 19.01 -22.82
N ASP A 446 -1.57 19.37 -21.90
CA ASP A 446 -1.33 20.47 -20.97
C ASP A 446 -0.54 19.87 -19.80
N TRP A 447 0.78 19.70 -20.00
CA TRP A 447 1.66 19.06 -19.01
C TRP A 447 1.66 19.78 -17.68
N ASN A 448 1.74 21.12 -17.69
CA ASN A 448 1.75 21.89 -16.45
C ASN A 448 0.50 21.62 -15.61
N ALA A 449 -0.67 21.48 -16.25
CA ALA A 449 -1.93 21.21 -15.55
C ALA A 449 -1.98 19.78 -15.03
N TRP A 450 -1.71 18.80 -15.90
CA TRP A 450 -1.75 17.38 -15.54
C TRP A 450 -0.77 17.02 -14.42
N LEU A 451 0.49 17.49 -14.53
CA LEU A 451 1.52 17.13 -13.55
C LEU A 451 1.59 17.98 -12.28
N TYR A 452 1.37 19.29 -12.41
CA TYR A 452 1.63 20.26 -11.33
C TYR A 452 0.46 21.08 -10.79
N SER A 453 -0.74 20.94 -11.37
CA SER A 453 -1.89 21.69 -10.89
C SER A 453 -2.78 20.89 -9.99
N PRO A 454 -3.41 21.53 -8.99
CA PRO A 454 -4.36 20.81 -8.17
C PRO A 454 -5.69 20.59 -8.91
N GLY A 455 -6.57 19.80 -8.32
CA GLY A 455 -7.93 19.55 -8.80
C GLY A 455 -8.08 18.41 -9.78
N LEU A 456 -9.25 18.36 -10.44
CA LEU A 456 -9.51 17.36 -11.44
C LEU A 456 -8.63 17.64 -12.67
N PRO A 457 -8.23 16.59 -13.41
CA PRO A 457 -7.42 16.81 -14.62
C PRO A 457 -8.10 17.74 -15.63
N PRO A 458 -7.33 18.36 -16.55
CA PRO A 458 -7.96 19.33 -17.48
C PRO A 458 -8.85 18.70 -18.54
N ILE A 459 -8.67 17.39 -18.79
CA ILE A 459 -9.41 16.60 -19.78
C ILE A 459 -9.81 15.29 -19.13
N LYS A 460 -11.03 14.87 -19.39
CA LYS A 460 -11.53 13.60 -18.90
C LYS A 460 -11.49 12.59 -20.06
N PRO A 461 -10.89 11.39 -19.83
CA PRO A 461 -10.84 10.37 -20.90
C PRO A 461 -12.23 9.93 -21.39
N ASN A 462 -12.26 9.14 -22.46
CA ASN A 462 -13.51 8.60 -23.01
C ASN A 462 -13.71 7.22 -22.38
N TYR A 463 -14.90 6.97 -21.85
CA TYR A 463 -15.17 5.68 -21.20
C TYR A 463 -16.40 5.01 -21.80
N ASP A 464 -16.28 3.72 -22.11
CA ASP A 464 -17.40 2.90 -22.52
C ASP A 464 -18.33 2.88 -21.28
N MET A 465 -19.64 3.01 -21.50
CA MET A 465 -20.64 3.09 -20.42
C MET A 465 -21.46 1.83 -20.20
N THR A 466 -21.29 0.80 -21.05
CA THR A 466 -22.14 -0.41 -21.05
C THR A 466 -22.53 -0.96 -19.69
N LEU A 467 -21.52 -1.26 -18.87
CA LEU A 467 -21.71 -1.84 -17.56
C LEU A 467 -22.08 -0.82 -16.47
N THR A 468 -21.81 0.46 -16.73
CA THR A 468 -22.12 1.53 -15.77
C THR A 468 -23.56 2.02 -15.85
N ASN A 469 -24.15 2.03 -17.05
CA ASN A 469 -25.51 2.54 -17.26
C ASN A 469 -26.55 2.08 -16.25
N ALA A 470 -26.64 0.75 -15.98
CA ALA A 470 -27.64 0.21 -15.03
C ALA A 470 -27.42 0.75 -13.60
N CYS A 471 -26.13 0.99 -13.21
CA CYS A 471 -25.76 1.55 -11.89
C CYS A 471 -26.28 2.97 -11.77
N ILE A 472 -26.01 3.79 -12.79
CA ILE A 472 -26.43 5.18 -12.83
C ILE A 472 -27.95 5.27 -12.84
N ALA A 473 -28.62 4.44 -13.68
CA ALA A 473 -30.09 4.47 -13.76
C ALA A 473 -30.77 4.14 -12.42
N LEU A 474 -30.31 3.08 -11.72
CA LEU A 474 -30.88 2.74 -10.41
C LEU A 474 -30.60 3.83 -9.35
N SER A 475 -29.37 4.35 -9.29
CA SER A 475 -29.00 5.41 -8.37
C SER A 475 -29.92 6.63 -8.61
N GLN A 476 -30.11 7.03 -9.88
CA GLN A 476 -30.93 8.21 -10.22
C GLN A 476 -32.39 8.03 -9.85
N ARG A 477 -32.90 6.80 -9.99
CA ARG A 477 -34.28 6.46 -9.58
C ARG A 477 -34.43 6.73 -8.08
N TRP A 478 -33.45 6.28 -7.27
CA TRP A 478 -33.51 6.51 -5.82
C TRP A 478 -33.39 7.99 -5.45
N ILE A 479 -32.47 8.71 -6.12
CA ILE A 479 -32.24 10.14 -5.82
C ILE A 479 -33.43 10.99 -6.18
N THR A 480 -34.08 10.69 -7.32
CA THR A 480 -35.25 11.45 -7.79
C THR A 480 -36.56 10.96 -7.17
N ALA A 481 -36.54 9.80 -6.47
CA ALA A 481 -37.77 9.25 -5.85
C ALA A 481 -38.32 10.17 -4.76
N LYS A 482 -39.66 10.29 -4.73
CA LYS A 482 -40.38 10.98 -3.67
C LYS A 482 -40.99 9.88 -2.82
N GLU A 483 -41.62 10.24 -1.68
CA GLU A 483 -42.21 9.22 -0.80
C GLU A 483 -43.13 8.27 -1.53
N ASP A 484 -43.98 8.80 -2.46
CA ASP A 484 -44.93 7.97 -3.21
C ASP A 484 -44.33 7.00 -4.24
N ASP A 485 -43.02 7.12 -4.54
CA ASP A 485 -42.28 6.23 -5.46
C ASP A 485 -41.56 5.07 -4.77
N LEU A 486 -41.42 5.16 -3.45
CA LEU A 486 -40.72 4.17 -2.65
C LEU A 486 -41.27 2.74 -2.79
N ASN A 487 -42.60 2.64 -2.98
CA ASN A 487 -43.31 1.36 -3.14
C ASN A 487 -42.85 0.60 -4.40
N SER A 488 -42.42 1.33 -5.44
CA SER A 488 -41.98 0.74 -6.70
C SER A 488 -40.67 -0.05 -6.61
N PHE A 489 -39.77 0.27 -5.62
CA PHE A 489 -38.50 -0.47 -5.51
C PHE A 489 -38.76 -1.88 -4.94
N ASN A 490 -37.98 -2.85 -5.40
CA ASN A 490 -38.16 -4.24 -4.99
C ASN A 490 -36.85 -4.97 -5.18
N ALA A 491 -36.66 -6.10 -4.49
CA ALA A 491 -35.42 -6.90 -4.61
C ALA A 491 -35.06 -7.23 -6.07
N THR A 492 -36.06 -7.29 -6.97
CA THR A 492 -35.83 -7.59 -8.40
C THR A 492 -34.99 -6.54 -9.11
N ASP A 493 -34.95 -5.28 -8.59
CA ASP A 493 -34.12 -4.23 -9.17
C ASP A 493 -32.63 -4.67 -9.30
N LEU A 494 -32.17 -5.55 -8.41
CA LEU A 494 -30.79 -6.00 -8.34
C LEU A 494 -30.48 -7.29 -9.06
N LYS A 495 -31.50 -7.97 -9.60
CA LYS A 495 -31.30 -9.28 -10.18
C LYS A 495 -30.22 -9.40 -11.24
N ASP A 496 -30.08 -8.37 -12.08
CA ASP A 496 -29.09 -8.39 -13.14
C ASP A 496 -27.81 -7.62 -12.80
N LEU A 497 -27.61 -7.26 -11.52
CA LEU A 497 -26.41 -6.52 -11.14
C LEU A 497 -25.35 -7.44 -10.55
N SER A 498 -24.09 -7.29 -11.00
CA SER A 498 -22.99 -8.08 -10.41
C SER A 498 -22.65 -7.42 -9.07
N SER A 499 -21.80 -8.04 -8.23
CA SER A 499 -21.33 -7.41 -7.00
C SER A 499 -20.62 -6.09 -7.31
N HIS A 500 -19.85 -6.05 -8.42
CA HIS A 500 -19.14 -4.84 -8.86
C HIS A 500 -20.15 -3.73 -9.15
N GLN A 501 -21.23 -4.07 -9.84
CA GLN A 501 -22.28 -3.10 -10.18
C GLN A 501 -23.06 -2.65 -8.95
N LEU A 502 -23.27 -3.55 -7.98
CA LEU A 502 -23.97 -3.17 -6.73
C LEU A 502 -23.09 -2.15 -5.98
N ASN A 503 -21.78 -2.39 -5.98
CA ASN A 503 -20.81 -1.47 -5.37
C ASN A 503 -20.83 -0.10 -6.07
N GLU A 504 -20.90 -0.09 -7.42
CA GLU A 504 -20.93 1.16 -8.19
C GLU A 504 -22.27 1.89 -7.95
N PHE A 505 -23.40 1.15 -7.89
CA PHE A 505 -24.71 1.75 -7.56
C PHE A 505 -24.57 2.49 -6.19
N LEU A 506 -23.97 1.84 -5.19
CA LEU A 506 -23.79 2.49 -3.89
C LEU A 506 -22.85 3.67 -3.94
N ALA A 507 -21.77 3.59 -4.77
CA ALA A 507 -20.80 4.69 -4.93
C ALA A 507 -21.50 5.89 -5.55
N GLN A 508 -22.31 5.65 -6.59
CA GLN A 508 -23.06 6.72 -7.27
C GLN A 508 -24.00 7.43 -6.27
N THR A 509 -24.70 6.64 -5.46
CA THR A 509 -25.69 7.14 -4.50
C THR A 509 -25.00 7.90 -3.37
N LEU A 510 -23.88 7.35 -2.88
CA LEU A 510 -23.10 7.96 -1.82
C LEU A 510 -22.56 9.36 -2.23
N GLN A 511 -22.25 9.55 -3.50
CA GLN A 511 -21.80 10.85 -4.00
C GLN A 511 -22.89 11.94 -3.81
N ARG A 512 -24.18 11.55 -3.70
CA ARG A 512 -25.30 12.48 -3.50
C ARG A 512 -25.84 12.46 -2.06
N ALA A 513 -25.16 11.73 -1.15
CA ALA A 513 -25.59 11.64 0.24
C ALA A 513 -25.50 13.02 0.96
N PRO A 514 -26.41 13.30 1.93
CA PRO A 514 -27.50 12.42 2.41
C PRO A 514 -28.68 12.27 1.48
N LEU A 515 -29.36 11.12 1.62
CA LEU A 515 -30.65 10.88 1.03
C LEU A 515 -31.65 10.95 2.22
N PRO A 516 -32.96 11.14 1.97
CA PRO A 516 -33.91 11.16 3.09
C PRO A 516 -33.84 9.86 3.90
N LEU A 517 -34.04 9.96 5.22
CA LEU A 517 -34.02 8.77 6.08
C LEU A 517 -34.99 7.65 5.60
N GLY A 518 -36.19 8.04 5.18
CA GLY A 518 -37.20 7.09 4.66
C GLY A 518 -36.72 6.32 3.43
N HIS A 519 -35.88 6.96 2.59
CA HIS A 519 -35.33 6.28 1.41
C HIS A 519 -34.34 5.19 1.84
N ILE A 520 -33.47 5.50 2.81
CA ILE A 520 -32.46 4.56 3.29
C ILE A 520 -33.14 3.38 4.00
N LYS A 521 -34.18 3.68 4.80
CA LYS A 521 -34.95 2.61 5.46
C LYS A 521 -35.60 1.70 4.41
N ARG A 522 -36.17 2.28 3.31
CA ARG A 522 -36.77 1.49 2.23
C ARG A 522 -35.71 0.62 1.53
N MET A 523 -34.52 1.17 1.30
CA MET A 523 -33.42 0.44 0.66
C MET A 523 -33.05 -0.82 1.47
N GLN A 524 -33.00 -0.71 2.82
CA GLN A 524 -32.73 -1.89 3.65
C GLN A 524 -33.91 -2.88 3.54
N GLU A 525 -35.13 -2.36 3.63
CA GLU A 525 -36.35 -3.17 3.53
C GLU A 525 -36.39 -4.02 2.26
N VAL A 526 -36.04 -3.43 1.10
CA VAL A 526 -36.13 -4.17 -0.17
C VAL A 526 -34.86 -4.86 -0.65
N TYR A 527 -33.68 -4.28 -0.32
CA TYR A 527 -32.42 -4.85 -0.79
C TYR A 527 -31.61 -5.61 0.24
N ASN A 528 -31.95 -5.46 1.54
CA ASN A 528 -31.28 -6.15 2.64
C ASN A 528 -29.73 -6.00 2.55
N PHE A 529 -29.26 -4.77 2.35
CA PHE A 529 -27.82 -4.52 2.28
C PHE A 529 -27.12 -4.84 3.59
N ASN A 530 -27.83 -4.82 4.75
CA ASN A 530 -27.23 -5.17 6.06
C ASN A 530 -26.64 -6.59 6.06
N ALA A 531 -27.20 -7.48 5.22
CA ALA A 531 -26.78 -8.87 5.11
C ALA A 531 -25.51 -9.07 4.27
N ILE A 532 -25.04 -8.03 3.53
CA ILE A 532 -23.89 -8.19 2.66
C ILE A 532 -22.58 -8.07 3.46
N ASN A 533 -21.72 -9.08 3.32
CA ASN A 533 -20.43 -9.12 4.03
C ASN A 533 -19.28 -8.58 3.18
N ASN A 534 -19.48 -8.44 1.86
CA ASN A 534 -18.45 -7.91 0.95
C ASN A 534 -18.03 -6.55 1.55
N SER A 535 -16.76 -6.42 1.92
CA SER A 535 -16.25 -5.25 2.67
C SER A 535 -16.46 -3.93 1.93
N GLU A 536 -16.22 -3.91 0.59
CA GLU A 536 -16.40 -2.69 -0.22
C GLU A 536 -17.87 -2.23 -0.22
N ILE A 537 -18.79 -3.14 -0.53
CA ILE A 537 -20.21 -2.83 -0.53
C ILE A 537 -20.67 -2.43 0.88
N ARG A 538 -20.29 -3.22 1.91
CA ARG A 538 -20.74 -2.93 3.27
C ARG A 538 -20.26 -1.54 3.74
N PHE A 539 -19.02 -1.21 3.44
CA PHE A 539 -18.43 0.10 3.77
C PHE A 539 -19.27 1.23 3.15
N ARG A 540 -19.56 1.15 1.83
CA ARG A 540 -20.32 2.22 1.16
C ARG A 540 -21.75 2.31 1.68
N TRP A 541 -22.38 1.15 1.94
CA TRP A 541 -23.72 1.12 2.51
C TRP A 541 -23.76 1.75 3.89
N LEU A 542 -22.79 1.40 4.76
CA LEU A 542 -22.78 1.99 6.10
C LEU A 542 -22.51 3.50 6.08
N ARG A 543 -21.63 3.96 5.20
CA ARG A 543 -21.36 5.40 5.06
C ARG A 543 -22.66 6.10 4.60
N LEU A 544 -23.40 5.48 3.67
CA LEU A 544 -24.65 6.03 3.16
C LEU A 544 -25.66 6.13 4.30
N CYS A 545 -25.77 5.09 5.13
CA CYS A 545 -26.67 5.09 6.30
C CYS A 545 -26.34 6.19 7.31
N ILE A 546 -25.04 6.29 7.70
CA ILE A 546 -24.59 7.26 8.70
C ILE A 546 -24.75 8.68 8.17
N GLN A 547 -24.34 8.93 6.90
CA GLN A 547 -24.49 10.27 6.34
C GLN A 547 -25.96 10.66 6.17
N SER A 548 -26.87 9.67 6.03
CA SER A 548 -28.33 9.89 5.93
C SER A 548 -29.01 9.83 7.31
N LYS A 549 -28.19 9.83 8.38
CA LYS A 549 -28.62 9.95 9.78
C LYS A 549 -29.46 8.80 10.34
N TRP A 550 -29.16 7.56 9.95
CA TRP A 550 -29.90 6.40 10.47
C TRP A 550 -29.22 5.89 11.74
N GLU A 551 -29.86 6.12 12.90
CA GLU A 551 -29.27 5.70 14.17
C GLU A 551 -28.99 4.22 14.29
N ASP A 552 -29.83 3.37 13.65
CA ASP A 552 -29.68 1.90 13.67
C ASP A 552 -28.32 1.47 13.08
N ALA A 553 -27.77 2.25 12.13
CA ALA A 553 -26.48 1.95 11.51
C ALA A 553 -25.28 2.23 12.43
N ILE A 554 -25.48 3.05 13.51
CA ILE A 554 -24.38 3.41 14.42
C ILE A 554 -23.61 2.17 14.95
N PRO A 555 -24.25 1.15 15.58
CA PRO A 555 -23.46 -0.01 16.07
C PRO A 555 -22.80 -0.79 14.94
N LEU A 556 -23.44 -0.90 13.77
CA LEU A 556 -22.86 -1.57 12.59
C LEU A 556 -21.57 -0.90 12.10
N ALA A 557 -21.61 0.44 11.94
CA ALA A 557 -20.47 1.26 11.50
C ALA A 557 -19.34 1.22 12.54
N LEU A 558 -19.66 1.34 13.85
CA LEU A 558 -18.64 1.26 14.91
C LEU A 558 -17.95 -0.12 14.88
N LYS A 559 -18.74 -1.18 14.72
CA LYS A 559 -18.23 -2.56 14.64
C LYS A 559 -17.30 -2.71 13.44
N MET A 560 -17.73 -2.25 12.23
CA MET A 560 -16.83 -2.38 11.08
C MET A 560 -15.55 -1.55 11.26
N ALA A 561 -15.68 -0.34 11.82
CA ALA A 561 -14.53 0.55 11.98
C ALA A 561 -13.45 -0.02 12.90
N THR A 562 -13.84 -0.88 13.85
CA THR A 562 -12.92 -1.41 14.85
C THR A 562 -12.54 -2.86 14.66
N GLU A 563 -13.43 -3.66 14.07
CA GLU A 563 -13.18 -5.10 13.88
C GLU A 563 -12.17 -5.37 12.79
N GLN A 564 -11.94 -4.38 11.95
CA GLN A 564 -10.87 -4.39 10.96
C GLN A 564 -10.20 -3.01 10.99
N GLY A 565 -9.03 -2.88 10.38
CA GLY A 565 -8.22 -1.67 10.44
C GLY A 565 -7.69 -1.17 9.11
N ARG A 566 -8.27 -1.64 7.99
CA ARG A 566 -7.86 -1.17 6.66
C ARG A 566 -8.25 0.30 6.62
N MET A 567 -7.26 1.19 6.46
CA MET A 567 -7.48 2.64 6.56
C MET A 567 -8.55 3.19 5.61
N LYS A 568 -8.63 2.62 4.40
CA LYS A 568 -9.64 2.93 3.38
C LYS A 568 -11.08 2.88 4.00
N PHE A 569 -11.31 1.94 4.94
CA PHE A 569 -12.60 1.75 5.58
C PHE A 569 -12.66 2.45 6.93
N THR A 570 -11.67 2.16 7.80
CA THR A 570 -11.63 2.68 9.16
C THR A 570 -11.65 4.20 9.23
N ARG A 571 -10.81 4.89 8.44
CA ARG A 571 -10.79 6.35 8.52
C ARG A 571 -12.13 7.04 8.14
N PRO A 572 -12.73 6.78 6.94
CA PRO A 572 -14.01 7.42 6.62
C PRO A 572 -15.14 6.98 7.56
N LEU A 573 -15.14 5.71 8.03
CA LEU A 573 -16.19 5.31 8.99
C LEU A 573 -16.12 6.14 10.30
N PHE A 574 -14.92 6.27 10.89
CA PHE A 574 -14.76 7.10 12.10
C PHE A 574 -15.15 8.55 11.83
N LYS A 575 -14.71 9.11 10.69
CA LYS A 575 -15.06 10.49 10.30
C LYS A 575 -16.57 10.73 10.14
N ASP A 576 -17.30 9.83 9.42
CA ASP A 576 -18.74 9.89 9.23
C ASP A 576 -19.45 9.80 10.59
N LEU A 577 -19.00 8.86 11.47
CA LEU A 577 -19.54 8.71 12.83
C LEU A 577 -19.30 9.95 13.70
N ALA A 578 -18.15 10.62 13.53
CA ALA A 578 -17.85 11.86 14.28
C ALA A 578 -18.72 13.02 13.77
N ALA A 579 -19.02 13.02 12.45
CA ALA A 579 -19.87 14.07 11.84
C ALA A 579 -21.38 13.94 12.14
N PHE A 580 -21.83 12.74 12.55
CA PHE A 580 -23.22 12.46 12.94
C PHE A 580 -23.35 12.76 14.45
N ASP A 581 -24.18 13.77 14.80
CA ASP A 581 -24.36 14.22 16.19
C ASP A 581 -24.67 13.09 17.15
N LYS A 582 -25.55 12.15 16.72
CA LYS A 582 -25.99 11.02 17.53
C LYS A 582 -24.87 10.05 17.85
N SER A 583 -23.85 9.98 16.99
CA SER A 583 -22.75 9.04 17.22
C SER A 583 -21.42 9.71 17.56
N HIS A 584 -21.35 11.07 17.55
CA HIS A 584 -20.09 11.78 17.77
C HIS A 584 -19.34 11.31 19.01
N ASP A 585 -20.00 11.35 20.18
CA ASP A 585 -19.37 10.94 21.44
C ASP A 585 -18.90 9.49 21.40
N GLN A 586 -19.73 8.59 20.83
CA GLN A 586 -19.39 7.17 20.69
C GLN A 586 -18.15 6.99 19.80
N ALA A 587 -18.05 7.77 18.70
CA ALA A 587 -16.90 7.67 17.81
C ALA A 587 -15.61 8.04 18.53
N VAL A 588 -15.64 9.16 19.29
CA VAL A 588 -14.47 9.64 20.04
C VAL A 588 -14.08 8.65 21.13
N ARG A 589 -15.08 8.15 21.88
CA ARG A 589 -14.82 7.21 22.98
C ARG A 589 -14.31 5.89 22.47
N THR A 590 -14.87 5.41 21.38
CA THR A 590 -14.43 4.14 20.77
C THR A 590 -12.99 4.25 20.30
N TYR A 591 -12.62 5.37 19.68
CA TYR A 591 -11.24 5.58 19.27
C TYR A 591 -10.31 5.58 20.51
N GLN A 592 -10.69 6.33 21.56
CA GLN A 592 -9.86 6.43 22.78
C GLN A 592 -9.62 5.06 23.40
N GLU A 593 -10.66 4.21 23.44
CA GLU A 593 -10.59 2.86 24.02
C GLU A 593 -9.74 1.89 23.22
N HIS A 594 -9.72 2.03 21.88
CA HIS A 594 -9.02 1.13 20.95
C HIS A 594 -7.64 1.62 20.54
N LYS A 595 -7.35 2.93 20.73
CA LYS A 595 -6.09 3.58 20.32
C LYS A 595 -4.82 2.76 20.63
N ALA A 596 -4.66 2.30 21.88
CA ALA A 596 -3.46 1.57 22.32
C ALA A 596 -3.20 0.23 21.60
N SER A 597 -4.29 -0.42 21.11
CA SER A 597 -4.22 -1.70 20.41
C SER A 597 -4.33 -1.57 18.87
N MET A 598 -4.38 -0.34 18.36
CA MET A 598 -4.42 -0.09 16.92
C MET A 598 -3.02 -0.08 16.33
N HIS A 599 -2.94 -0.20 14.99
CA HIS A 599 -1.68 -0.05 14.24
C HIS A 599 -1.20 1.40 14.49
N PRO A 600 0.11 1.63 14.71
CA PRO A 600 0.57 2.99 15.04
C PRO A 600 0.23 4.10 14.04
N VAL A 601 0.27 3.80 12.75
CA VAL A 601 -0.03 4.79 11.71
C VAL A 601 -1.54 5.03 11.68
N THR A 602 -2.35 3.95 11.70
CA THR A 602 -3.80 4.10 11.72
C THR A 602 -4.23 4.93 12.95
N ALA A 603 -3.63 4.65 14.15
CA ALA A 603 -3.95 5.37 15.39
C ALA A 603 -3.65 6.85 15.21
N MET A 604 -2.49 7.17 14.62
CA MET A 604 -2.11 8.57 14.41
C MET A 604 -3.12 9.29 13.49
N LEU A 605 -3.45 8.67 12.35
CA LEU A 605 -4.33 9.25 11.33
C LEU A 605 -5.78 9.42 11.77
N VAL A 606 -6.32 8.40 12.47
CA VAL A 606 -7.69 8.47 13.01
C VAL A 606 -7.76 9.63 14.03
N GLY A 607 -6.73 9.74 14.87
CA GLY A 607 -6.58 10.82 15.86
C GLY A 607 -6.63 12.19 15.23
N LYS A 608 -5.84 12.37 14.14
CA LYS A 608 -5.83 13.63 13.37
C LYS A 608 -7.20 13.89 12.74
N ASP A 609 -7.83 12.87 12.11
CA ASP A 609 -9.17 13.00 11.53
C ASP A 609 -10.23 13.39 12.57
N LEU A 610 -10.13 12.83 13.79
CA LEU A 610 -11.09 13.05 14.88
C LEU A 610 -10.78 14.26 15.76
N LYS A 611 -9.60 14.88 15.55
CA LYS A 611 -9.08 16.01 16.34
C LYS A 611 -9.01 15.61 17.83
N VAL A 612 -8.47 14.40 18.07
CA VAL A 612 -8.27 13.79 19.40
C VAL A 612 -6.77 13.58 19.50
N ASP A 613 -6.12 14.27 20.44
CA ASP A 613 -4.65 14.21 20.62
C ASP A 613 -4.21 13.11 21.59
#